data_2G6G
#
_entry.id   2G6G
#
_cell.length_a   48.06
_cell.length_b   87.26
_cell.length_c   111.95
_cell.angle_alpha   90.00
_cell.angle_beta   90.00
_cell.angle_gamma   90.00
#
_symmetry.space_group_name_H-M   'P 21 21 21'
#
loop_
_entity.id
_entity.type
_entity.pdbx_description
1 polymer GNA33
2 non-polymer 'SULFATE ION'
3 non-polymer GLYCEROL
4 water water
#
_entity_poly.entity_id   1
_entity_poly.type   'polypeptide(L)'
_entity_poly.pdbx_seq_one_letter_code
;GSQSRSIQTFPQPDTSVINGPDRPAGIPDPAGTTVAGGGAVYTVVPHLS(MSE)PHWAAQDFAKSLQSFRLGCANLKNRQ
GWQDVCAQAFQTPIHSFQAKRFFERYFTPWQVAGNGSLAGTVTGYYEPVLKGDGRRTERARFPIYGIPDDFISVPLPAGL
RGGKNLVRIRQTGKNSGTIDNAGGTHTADLSRFPITARTTAIKGRFEGSRFLPYHTRNQINGGALDGKAPILGYAEDPVE
LFF(MSE)HIQGSGRLKTPSGKYIRIGYADKNEHPYVSIGRY(MSE)ADKGYLKLGQTS(MSE)QGIKAY(MSE)RQNPQ
RLAEVLGQNPSYIFFRELAGSGGDGPVGALGTPL(MSE)GEYAGAIDRHYITLGAPLFVATAHPVTRKALNRLI(MSE)A
QDTGSAIKGAVRVDYFWGYGDEAGELAGKQKTTGYVWQLLPNG(MSE)KPEYRP
;
_entity_poly.pdbx_strand_id   A
#
loop_
_chem_comp.id
_chem_comp.type
_chem_comp.name
_chem_comp.formula
GOL non-polymer GLYCEROL 'C3 H8 O3'
SO4 non-polymer 'SULFATE ION' 'O4 S -2'
#
# COMPACT_ATOMS: atom_id res chain seq x y z
N PRO A 13 -0.29 -15.52 16.97
CA PRO A 13 -0.08 -14.51 15.93
C PRO A 13 -0.43 -14.88 14.46
N ASP A 14 -1.23 -15.94 14.17
CA ASP A 14 -1.90 -16.92 15.07
C ASP A 14 -0.98 -18.04 15.56
N THR A 15 -1.41 -18.77 16.60
CA THR A 15 -0.78 -20.02 17.06
C THR A 15 -1.76 -21.20 16.93
N SER A 16 -3.06 -20.87 16.94
CA SER A 16 -4.17 -21.80 17.14
C SER A 16 -4.40 -22.83 16.03
N VAL A 17 -5.27 -23.80 16.32
CA VAL A 17 -5.77 -24.78 15.35
C VAL A 17 -7.24 -25.13 15.59
N ILE A 18 -8.04 -25.09 14.52
CA ILE A 18 -9.43 -25.56 14.51
C ILE A 18 -9.48 -27.07 14.16
N ASN A 19 -10.10 -27.88 15.02
CA ASN A 19 -10.25 -29.31 14.72
C ASN A 19 -11.36 -29.59 13.69
N GLY A 20 -11.31 -30.78 13.06
CA GLY A 20 -12.31 -31.18 12.07
C GLY A 20 -11.77 -31.83 10.80
N PRO A 21 -12.67 -32.39 9.97
CA PRO A 21 -12.28 -33.01 8.71
C PRO A 21 -11.61 -32.06 7.71
N ASP A 22 -10.45 -32.48 7.20
CA ASP A 22 -9.78 -31.90 6.05
C ASP A 22 -10.75 -31.48 4.96
N ARG A 23 -10.60 -30.24 4.48
CA ARG A 23 -11.40 -29.78 3.33
C ARG A 23 -10.99 -30.51 2.05
N PRO A 24 -11.94 -30.67 1.12
CA PRO A 24 -11.61 -31.21 -0.21
C PRO A 24 -10.45 -30.44 -0.85
N ALA A 25 -9.50 -31.17 -1.45
CA ALA A 25 -8.27 -30.58 -1.95
C ALA A 25 -8.43 -30.16 -3.40
N GLY A 26 -9.35 -30.82 -4.09
CA GLY A 26 -9.60 -30.58 -5.48
C GLY A 26 -8.50 -31.12 -6.37
N ILE A 27 -8.59 -30.80 -7.65
CA ILE A 27 -7.82 -31.47 -8.69
C ILE A 27 -6.89 -30.45 -9.32
N PRO A 28 -5.56 -30.58 -9.06
CA PRO A 28 -4.51 -29.73 -9.67
C PRO A 28 -4.44 -29.86 -11.18
N ASP A 29 -4.33 -28.75 -11.92
CA ASP A 29 -3.99 -28.84 -13.34
C ASP A 29 -2.60 -29.49 -13.43
N PRO A 30 -2.35 -30.34 -14.44
CA PRO A 30 -1.03 -31.00 -14.42
C PRO A 30 0.08 -30.07 -14.89
N ALA A 31 1.32 -30.44 -14.57
CA ALA A 31 2.50 -29.68 -14.94
C ALA A 31 2.52 -29.37 -16.44
N GLY A 32 2.87 -28.13 -16.77
CA GLY A 32 2.93 -27.72 -18.17
C GLY A 32 1.66 -27.06 -18.65
N THR A 33 0.59 -27.12 -17.87
CA THR A 33 -0.64 -26.42 -18.19
C THR A 33 -0.33 -24.94 -18.23
N THR A 34 -0.87 -24.26 -19.22
CA THR A 34 -0.48 -22.92 -19.55
C THR A 34 -1.72 -22.04 -19.69
N VAL A 35 -1.66 -20.85 -19.11
CA VAL A 35 -2.61 -19.78 -19.35
C VAL A 35 -1.76 -18.61 -19.85
N ALA A 36 -2.25 -17.91 -20.87
CA ALA A 36 -1.60 -16.70 -21.34
C ALA A 36 -2.58 -15.51 -21.36
N GLY A 37 -2.09 -14.32 -21.06
CA GLY A 37 -2.88 -13.10 -21.24
C GLY A 37 -2.13 -11.84 -20.89
N GLY A 38 -2.36 -10.76 -21.64
CA GLY A 38 -1.71 -9.47 -21.38
C GLY A 38 -0.20 -9.49 -21.52
N GLY A 39 0.32 -10.37 -22.38
CA GLY A 39 1.76 -10.56 -22.50
C GLY A 39 2.36 -11.54 -21.49
N ALA A 40 1.53 -12.09 -20.59
CA ALA A 40 2.02 -12.97 -19.57
C ALA A 40 1.72 -14.42 -19.88
N VAL A 41 2.57 -15.33 -19.42
CA VAL A 41 2.33 -16.75 -19.54
C VAL A 41 2.51 -17.40 -18.17
N TYR A 42 1.50 -18.18 -17.77
CA TYR A 42 1.52 -18.87 -16.49
C TYR A 42 1.61 -20.34 -16.75
N THR A 43 2.53 -21.02 -16.07
CA THR A 43 2.76 -22.42 -16.33
C THR A 43 2.87 -23.23 -15.07
N VAL A 44 2.01 -24.24 -14.90
CA VAL A 44 2.11 -25.13 -13.75
C VAL A 44 3.46 -25.81 -13.74
N VAL A 45 4.11 -25.79 -12.58
CA VAL A 45 5.37 -26.48 -12.37
C VAL A 45 5.22 -27.35 -11.12
N PRO A 46 6.13 -28.33 -10.94
CA PRO A 46 6.12 -29.03 -9.66
C PRO A 46 6.49 -28.08 -8.51
N HIS A 47 5.99 -28.35 -7.31
CA HIS A 47 6.31 -27.53 -6.13
C HIS A 47 7.81 -27.52 -5.92
N LEU A 48 8.45 -28.61 -6.31
CA LEU A 48 9.87 -28.79 -6.05
C LEU A 48 10.81 -28.06 -7.00
N SER A 49 10.28 -27.58 -8.13
CA SER A 49 11.09 -26.83 -9.11
C SER A 49 11.32 -25.38 -8.66
N MSE A 50 10.62 -24.96 -7.62
CA MSE A 50 10.84 -23.66 -7.00
C MSE A 50 12.05 -23.70 -6.07
O MSE A 50 12.18 -24.62 -5.26
CB MSE A 50 9.60 -23.19 -6.26
CG MSE A 50 8.34 -23.11 -7.13
SE MSE A 50 6.85 -22.40 -6.12
CE MSE A 50 6.05 -24.05 -5.47
N PRO A 51 12.95 -22.70 -6.17
CA PRO A 51 14.23 -22.70 -5.47
C PRO A 51 14.07 -22.81 -3.95
N HIS A 52 14.65 -23.87 -3.39
CA HIS A 52 14.68 -24.10 -1.94
C HIS A 52 13.32 -24.29 -1.27
N TRP A 53 12.32 -24.63 -2.09
CA TRP A 53 10.97 -24.82 -1.61
C TRP A 53 10.99 -25.39 -0.21
N ALA A 54 11.51 -26.62 -0.08
CA ALA A 54 11.48 -27.42 1.15
C ALA A 54 12.05 -26.76 2.40
N ALA A 55 13.01 -25.87 2.22
CA ALA A 55 13.77 -25.26 3.31
C ALA A 55 13.07 -24.06 4.00
N GLN A 56 11.96 -23.61 3.42
CA GLN A 56 11.32 -22.35 3.80
C GLN A 56 10.58 -22.35 5.13
N ASP A 57 10.43 -21.14 5.69
CA ASP A 57 9.68 -20.99 6.93
C ASP A 57 8.19 -20.93 6.61
N PHE A 58 7.62 -22.10 6.33
CA PHE A 58 6.24 -22.21 5.90
C PHE A 58 5.27 -21.84 6.98
N ALA A 59 5.66 -22.02 8.24
CA ALA A 59 4.87 -21.63 9.41
C ALA A 59 4.56 -20.14 9.38
N LYS A 60 5.56 -19.30 9.16
CA LYS A 60 5.28 -17.86 8.96
C LYS A 60 4.39 -17.54 7.75
N SER A 61 4.64 -18.20 6.62
CA SER A 61 3.83 -18.01 5.42
C SER A 61 2.34 -18.34 5.67
N LEU A 62 2.12 -19.38 6.46
CA LEU A 62 0.76 -19.79 6.86
C LEU A 62 0.07 -18.78 7.78
N GLN A 63 0.80 -18.23 8.75
CA GLN A 63 0.27 -17.15 9.57
C GLN A 63 -0.07 -15.97 8.69
N SER A 64 0.78 -15.67 7.71
CA SER A 64 0.48 -14.64 6.75
C SER A 64 -0.81 -14.92 5.94
N PHE A 65 -0.94 -16.13 5.40
CA PHE A 65 -2.16 -16.54 4.69
C PHE A 65 -3.42 -16.40 5.56
N ARG A 66 -3.32 -16.78 6.82
CA ARG A 66 -4.45 -16.73 7.76
C ARG A 66 -5.00 -15.30 7.97
N LEU A 67 -4.11 -14.30 8.01
CA LEU A 67 -4.51 -12.87 8.10
C LEU A 67 -5.37 -12.37 6.94
N GLY A 68 -5.06 -12.84 5.73
CA GLY A 68 -5.83 -12.45 4.57
C GLY A 68 -7.19 -13.10 4.49
N CYS A 69 -7.36 -14.23 5.18
CA CYS A 69 -8.54 -15.04 5.05
C CYS A 69 -9.77 -14.40 5.65
N ALA A 70 -9.60 -13.37 6.50
CA ALA A 70 -10.76 -12.67 7.07
C ALA A 70 -11.61 -12.08 5.95
N ASN A 71 -10.95 -11.57 4.90
CA ASN A 71 -11.66 -11.11 3.71
C ASN A 71 -11.62 -12.13 2.57
N LEU A 72 -10.50 -12.83 2.40
CA LEU A 72 -10.32 -13.77 1.31
C LEU A 72 -11.32 -14.94 1.36
N LYS A 73 -11.69 -15.34 2.58
CA LYS A 73 -12.76 -16.32 2.87
C LYS A 73 -13.95 -16.23 1.92
N ASN A 74 -14.34 -14.99 1.62
CA ASN A 74 -15.64 -14.65 1.02
C ASN A 74 -15.57 -14.57 -0.49
N ARG A 75 -14.43 -14.92 -1.04
CA ARG A 75 -14.25 -14.84 -2.46
C ARG A 75 -14.39 -16.22 -3.04
N GLN A 76 -15.13 -16.32 -4.15
CA GLN A 76 -15.45 -17.61 -4.73
C GLN A 76 -14.18 -18.34 -5.08
N GLY A 77 -14.11 -19.60 -4.66
CA GLY A 77 -12.97 -20.43 -4.96
C GLY A 77 -12.07 -20.58 -3.77
N TRP A 78 -12.14 -19.62 -2.85
CA TRP A 78 -11.16 -19.52 -1.78
C TRP A 78 -11.64 -20.05 -0.44
N GLN A 79 -12.90 -20.49 -0.38
CA GLN A 79 -13.56 -20.83 0.90
C GLN A 79 -12.90 -22.03 1.60
N ASP A 80 -12.64 -23.10 0.84
CA ASP A 80 -12.06 -24.32 1.38
C ASP A 80 -10.62 -24.14 1.87
N VAL A 81 -9.75 -23.47 1.08
CA VAL A 81 -8.35 -23.27 1.50
C VAL A 81 -8.26 -22.32 2.69
N CYS A 82 -9.10 -21.32 2.73
CA CYS A 82 -9.16 -20.43 3.87
C CYS A 82 -9.65 -21.14 5.16
N ALA A 83 -10.62 -22.05 5.04
CA ALA A 83 -11.03 -22.86 6.21
C ALA A 83 -9.92 -23.85 6.58
N GLN A 84 -9.33 -24.50 5.58
CA GLN A 84 -8.23 -25.40 5.80
C GLN A 84 -7.01 -24.75 6.45
N ALA A 85 -6.71 -23.49 6.10
CA ALA A 85 -5.61 -22.73 6.72
C ALA A 85 -5.76 -22.73 8.25
N PHE A 86 -6.98 -22.58 8.74
CA PHE A 86 -7.19 -22.55 10.18
C PHE A 86 -7.27 -23.92 10.84
N GLN A 87 -7.26 -24.99 10.04
CA GLN A 87 -7.19 -26.35 10.58
C GLN A 87 -5.78 -26.95 10.49
N THR A 88 -4.80 -26.13 10.07
CA THR A 88 -3.41 -26.56 9.87
C THR A 88 -2.56 -26.01 11.01
N PRO A 89 -1.80 -26.88 11.72
CA PRO A 89 -0.89 -26.42 12.78
C PRO A 89 0.18 -25.45 12.29
N ILE A 90 0.57 -24.50 13.17
CA ILE A 90 1.58 -23.50 12.82
C ILE A 90 2.97 -24.15 12.99
N HIS A 91 3.25 -25.08 12.11
CA HIS A 91 4.52 -25.78 12.11
C HIS A 91 4.85 -25.96 10.67
N SER A 92 6.15 -25.97 10.38
CA SER A 92 6.58 -25.85 8.99
C SER A 92 6.26 -27.07 8.14
N PHE A 93 6.35 -28.27 8.72
CA PHE A 93 5.96 -29.46 7.97
C PHE A 93 4.48 -29.42 7.57
N GLN A 94 3.59 -29.17 8.53
CA GLN A 94 2.14 -29.13 8.23
C GLN A 94 1.79 -28.00 7.26
N ALA A 95 2.41 -26.83 7.45
CA ALA A 95 2.25 -25.68 6.60
C ALA A 95 2.76 -25.95 5.21
N LYS A 96 3.93 -26.56 5.11
CA LYS A 96 4.46 -26.99 3.83
C LYS A 96 3.46 -27.92 3.12
N ARG A 97 2.95 -28.93 3.83
CA ARG A 97 1.97 -29.84 3.24
C ARG A 97 0.67 -29.17 2.80
N PHE A 98 0.19 -28.21 3.59
CA PHE A 98 -0.93 -27.39 3.22
C PHE A 98 -0.72 -26.69 1.88
N PHE A 99 0.40 -25.97 1.72
CA PHE A 99 0.71 -25.32 0.46
C PHE A 99 0.89 -26.30 -0.71
N GLU A 100 1.52 -27.47 -0.46
CA GLU A 100 1.73 -28.50 -1.49
C GLU A 100 0.46 -29.25 -1.92
N ARG A 101 -0.41 -29.52 -0.96
CA ARG A 101 -1.61 -30.29 -1.23
C ARG A 101 -2.79 -29.46 -1.71
N TYR A 102 -2.86 -28.21 -1.27
CA TYR A 102 -4.05 -27.39 -1.53
C TYR A 102 -3.89 -26.40 -2.67
N PHE A 103 -2.67 -26.24 -3.14
CA PHE A 103 -2.38 -25.23 -4.16
C PHE A 103 -1.53 -25.85 -5.24
N THR A 104 -1.65 -25.26 -6.44
CA THR A 104 -0.86 -25.57 -7.59
C THR A 104 -0.04 -24.33 -7.94
N PRO A 105 1.29 -24.49 -8.14
CA PRO A 105 2.21 -23.41 -8.49
C PRO A 105 2.16 -23.02 -9.97
N TRP A 106 1.98 -21.74 -10.26
CA TRP A 106 2.07 -21.24 -11.63
C TRP A 106 3.28 -20.32 -11.79
N GLN A 107 4.28 -20.76 -12.54
CA GLN A 107 5.43 -19.91 -12.86
C GLN A 107 4.94 -18.75 -13.69
N VAL A 108 5.34 -17.53 -13.33
CA VAL A 108 4.88 -16.35 -14.10
C VAL A 108 5.96 -15.76 -14.96
N ALA A 109 5.64 -15.52 -16.24
CA ALA A 109 6.52 -14.84 -17.19
C ALA A 109 5.79 -13.61 -17.72
N GLY A 110 6.48 -12.49 -17.79
CA GLY A 110 5.91 -11.29 -18.36
C GLY A 110 6.76 -10.85 -19.51
N ASN A 111 6.10 -10.54 -20.63
CA ASN A 111 6.75 -10.14 -21.87
C ASN A 111 7.93 -11.05 -22.23
N GLY A 112 7.70 -12.35 -22.11
CA GLY A 112 8.71 -13.34 -22.46
C GLY A 112 9.83 -13.57 -21.47
N SER A 113 9.77 -12.96 -20.28
CA SER A 113 10.83 -13.07 -19.31
C SER A 113 10.29 -13.45 -17.93
N LEU A 114 10.97 -14.40 -17.30
CA LEU A 114 10.68 -14.82 -15.94
C LEU A 114 11.20 -13.79 -14.94
N ALA A 115 12.11 -12.93 -15.39
CA ALA A 115 12.70 -11.91 -14.54
C ALA A 115 11.84 -10.66 -14.38
N GLY A 116 11.76 -10.18 -13.15
CA GLY A 116 11.13 -8.89 -12.87
C GLY A 116 11.77 -8.15 -11.72
N THR A 117 11.14 -7.07 -11.29
CA THR A 117 11.76 -6.18 -10.31
C THR A 117 11.08 -6.32 -8.98
N VAL A 118 11.88 -6.50 -7.93
CA VAL A 118 11.42 -6.49 -6.55
C VAL A 118 11.91 -5.23 -5.86
N THR A 119 10.98 -4.46 -5.30
CA THR A 119 11.33 -3.30 -4.49
C THR A 119 10.78 -3.51 -3.10
N GLY A 120 10.99 -2.54 -2.21
CA GLY A 120 10.56 -2.71 -0.84
C GLY A 120 9.78 -1.53 -0.31
N TYR A 121 8.87 -1.80 0.63
CA TYR A 121 8.23 -0.74 1.38
C TYR A 121 8.04 -1.16 2.82
N TYR A 122 7.70 -0.20 3.68
CA TYR A 122 7.59 -0.46 5.13
C TYR A 122 6.60 0.51 5.73
N GLU A 123 6.33 0.34 7.02
CA GLU A 123 5.53 1.27 7.79
C GLU A 123 6.46 1.97 8.79
N PRO A 124 6.66 3.28 8.64
CA PRO A 124 7.50 4.03 9.58
C PRO A 124 6.91 4.15 10.99
N VAL A 125 7.79 4.19 11.99
CA VAL A 125 7.41 4.51 13.35
C VAL A 125 7.92 5.92 13.70
N LEU A 126 7.05 6.77 14.23
CA LEU A 126 7.45 8.11 14.69
C LEU A 126 7.09 8.35 16.15
N LYS A 127 7.93 9.08 16.84
CA LYS A 127 7.58 9.54 18.17
C LYS A 127 6.41 10.52 18.05
N GLY A 128 5.38 10.30 18.85
CA GLY A 128 4.25 11.19 18.96
C GLY A 128 3.43 10.87 20.19
N ASP A 129 2.17 11.30 20.20
CA ASP A 129 1.27 11.10 21.34
C ASP A 129 -0.19 11.19 20.85
N GLY A 130 -1.11 10.57 21.59
CA GLY A 130 -2.54 10.67 21.26
C GLY A 130 -3.14 12.06 21.48
N ARG A 131 -2.64 12.76 22.50
CA ARG A 131 -3.04 14.12 22.83
C ARG A 131 -1.81 15.02 22.70
N ARG A 132 -2.03 16.32 22.43
CA ARG A 132 -0.94 17.29 22.26
C ARG A 132 -0.10 17.47 23.54
N THR A 133 1.22 17.53 23.36
CA THR A 133 2.16 17.83 24.45
C THR A 133 3.22 18.82 23.95
N GLU A 134 4.16 19.20 24.82
CA GLU A 134 5.25 20.11 24.46
C GLU A 134 6.13 19.58 23.32
N ARG A 135 6.23 18.26 23.19
CA ARG A 135 7.07 17.63 22.16
C ARG A 135 6.28 17.20 20.94
N ALA A 136 5.15 16.54 21.17
CA ALA A 136 4.27 16.11 20.11
C ALA A 136 3.32 17.27 19.75
N ARG A 137 3.78 18.13 18.85
CA ARG A 137 3.09 19.39 18.51
C ARG A 137 2.40 19.41 17.14
N PHE A 138 2.74 18.46 16.27
CA PHE A 138 2.28 18.50 14.87
C PHE A 138 1.17 17.50 14.61
N PRO A 139 -0.04 18.02 14.33
CA PRO A 139 -1.24 17.19 14.19
C PRO A 139 -1.26 16.26 13.00
N ILE A 140 -1.82 15.06 13.22
CA ILE A 140 -2.09 14.15 12.15
C ILE A 140 -3.59 14.21 11.91
N TYR A 141 -4.01 14.58 10.69
CA TYR A 141 -5.42 14.88 10.41
C TYR A 141 -6.18 13.72 9.80
N GLY A 142 -7.40 13.51 10.29
CA GLY A 142 -8.37 12.66 9.63
C GLY A 142 -9.04 13.45 8.50
N ILE A 143 -10.00 12.83 7.84
CA ILE A 143 -10.69 13.50 6.75
C ILE A 143 -11.42 14.74 7.28
N PRO A 144 -11.13 15.93 6.70
CA PRO A 144 -11.80 17.14 7.17
C PRO A 144 -13.32 17.11 7.06
N ASP A 145 -13.97 17.91 7.91
CA ASP A 145 -15.43 18.09 7.92
C ASP A 145 -16.01 18.58 6.58
N ASP A 146 -15.22 19.35 5.83
CA ASP A 146 -15.71 20.03 4.61
C ASP A 146 -15.11 19.42 3.33
N PHE A 147 -14.41 18.31 3.48
CA PHE A 147 -13.69 17.66 2.38
C PHE A 147 -14.70 16.86 1.54
N ILE A 148 -14.83 17.20 0.27
CA ILE A 148 -15.78 16.51 -0.56
C ILE A 148 -15.08 15.79 -1.71
N SER A 149 -15.33 14.49 -1.83
CA SER A 149 -14.83 13.70 -2.94
C SER A 149 -15.94 13.52 -3.98
N VAL A 150 -15.59 13.77 -5.25
CA VAL A 150 -16.54 13.69 -6.34
C VAL A 150 -15.96 12.77 -7.41
N PRO A 151 -16.62 11.63 -7.71
CA PRO A 151 -16.12 10.75 -8.81
C PRO A 151 -16.04 11.47 -10.16
N LEU A 152 -14.92 11.28 -10.86
CA LEU A 152 -14.70 11.95 -12.15
C LEU A 152 -14.79 10.88 -13.22
N PRO A 153 -15.85 10.92 -14.05
CA PRO A 153 -15.94 9.97 -15.15
C PRO A 153 -14.74 10.10 -16.08
N ALA A 154 -14.34 8.98 -16.68
CA ALA A 154 -13.29 8.97 -17.68
C ALA A 154 -13.49 10.04 -18.75
N GLY A 155 -14.74 10.35 -19.05
CA GLY A 155 -15.09 11.38 -20.04
C GLY A 155 -14.48 12.77 -19.80
N LEU A 156 -14.21 13.09 -18.53
CA LEU A 156 -13.84 14.46 -18.16
C LEU A 156 -12.37 14.68 -17.80
N ARG A 157 -11.53 13.66 -18.06
CA ARG A 157 -10.13 13.65 -17.62
C ARG A 157 -9.20 14.54 -18.44
N GLY A 158 -9.77 15.20 -19.44
CA GLY A 158 -9.13 16.32 -20.12
C GLY A 158 -9.16 17.53 -19.22
N GLY A 159 -10.15 17.55 -18.32
CA GLY A 159 -10.22 18.53 -17.24
C GLY A 159 -10.44 19.97 -17.66
N LYS A 160 -11.23 20.16 -18.72
CA LYS A 160 -11.46 21.50 -19.25
C LYS A 160 -12.87 22.02 -18.91
N ASN A 161 -13.78 21.10 -18.57
CA ASN A 161 -15.19 21.44 -18.47
C ASN A 161 -15.55 22.25 -17.25
N LEU A 162 -16.52 23.15 -17.41
CA LEU A 162 -17.22 23.76 -16.29
C LEU A 162 -18.47 22.93 -16.04
N VAL A 163 -18.51 22.32 -14.87
CA VAL A 163 -19.59 21.44 -14.47
C VAL A 163 -20.25 21.97 -13.19
N ARG A 164 -21.39 21.40 -12.84
CA ARG A 164 -21.99 21.68 -11.55
C ARG A 164 -21.91 20.47 -10.65
N ILE A 165 -21.80 20.74 -9.35
CA ILE A 165 -21.66 19.70 -8.33
C ILE A 165 -22.82 19.76 -7.36
N ARG A 166 -23.30 18.59 -6.97
CA ARG A 166 -24.28 18.40 -5.93
C ARG A 166 -23.67 17.56 -4.83
N GLN A 167 -23.77 18.00 -3.57
CA GLN A 167 -23.45 17.16 -2.41
C GLN A 167 -24.44 15.99 -2.24
N THR A 168 -23.92 14.82 -1.87
CA THR A 168 -24.73 13.59 -1.76
C THR A 168 -24.49 12.95 -0.39
N GLY A 169 -23.53 13.46 0.35
CA GLY A 169 -23.16 12.87 1.65
C GLY A 169 -22.21 13.84 2.34
N LYS A 170 -21.87 13.53 3.58
CA LYS A 170 -20.99 14.36 4.39
C LYS A 170 -19.67 14.70 3.69
N ASN A 171 -19.04 13.69 3.10
CA ASN A 171 -17.79 13.88 2.37
C ASN A 171 -17.83 13.52 0.89
N SER A 172 -19.01 13.62 0.27
CA SER A 172 -19.16 13.19 -1.11
C SER A 172 -20.12 14.05 -1.89
N GLY A 173 -19.91 14.07 -3.20
CA GLY A 173 -20.74 14.86 -4.09
C GLY A 173 -20.77 14.15 -5.42
N THR A 174 -21.55 14.69 -6.33
CA THR A 174 -21.62 14.12 -7.68
C THR A 174 -21.64 15.23 -8.72
N ILE A 175 -21.10 14.96 -9.89
CA ILE A 175 -21.24 15.87 -11.01
C ILE A 175 -22.67 15.73 -11.56
N ASP A 176 -23.40 16.85 -11.52
CA ASP A 176 -24.77 16.93 -12.02
C ASP A 176 -24.96 18.31 -12.68
N ASN A 177 -24.88 18.36 -14.00
CA ASN A 177 -25.00 19.63 -14.69
C ASN A 177 -26.40 20.25 -14.67
N ALA A 178 -27.44 19.43 -14.69
CA ALA A 178 -28.77 20.00 -14.70
C ALA A 178 -29.15 20.50 -13.30
N GLY A 179 -29.02 19.64 -12.30
CA GLY A 179 -29.44 20.01 -10.95
C GLY A 179 -28.37 20.18 -9.88
N GLY A 180 -27.12 20.39 -10.28
CA GLY A 180 -26.02 20.68 -9.32
C GLY A 180 -26.21 22.04 -8.67
N THR A 181 -25.66 22.22 -7.48
CA THR A 181 -25.90 23.45 -6.71
C THR A 181 -24.73 24.45 -6.82
N HIS A 182 -23.53 23.93 -7.14
CA HIS A 182 -22.28 24.73 -7.22
C HIS A 182 -21.52 24.52 -8.51
N THR A 183 -20.76 25.54 -8.90
CA THR A 183 -19.96 25.50 -10.10
C THR A 183 -18.56 24.99 -9.79
N ALA A 184 -18.05 24.10 -10.64
CA ALA A 184 -16.68 23.65 -10.55
C ALA A 184 -16.03 23.88 -11.90
N ASP A 185 -14.95 24.66 -11.88
CA ASP A 185 -14.14 24.89 -13.07
C ASP A 185 -13.03 23.87 -13.02
N LEU A 186 -13.20 22.77 -13.75
CA LEU A 186 -12.27 21.65 -13.70
C LEU A 186 -10.83 22.00 -14.07
N SER A 187 -10.65 23.03 -14.91
CA SER A 187 -9.30 23.49 -15.24
C SER A 187 -8.50 23.91 -14.00
N ARG A 188 -9.21 24.25 -12.93
CA ARG A 188 -8.57 24.68 -11.70
C ARG A 188 -8.23 23.48 -10.80
N PHE A 189 -8.68 22.30 -11.20
CA PHE A 189 -8.44 21.10 -10.43
C PHE A 189 -7.22 20.35 -10.93
N PRO A 190 -6.48 19.68 -10.01
CA PRO A 190 -5.26 18.94 -10.39
C PRO A 190 -5.61 17.63 -11.12
N ILE A 191 -6.27 17.73 -12.26
CA ILE A 191 -6.75 16.54 -12.96
C ILE A 191 -5.72 16.04 -13.94
N THR A 192 -5.42 14.74 -13.85
CA THR A 192 -4.54 14.08 -14.81
C THR A 192 -5.19 12.83 -15.38
N ALA A 193 -4.47 12.17 -16.29
CA ALA A 193 -4.94 10.95 -16.96
C ALA A 193 -5.45 9.87 -16.01
N ARG A 194 -4.79 9.70 -14.87
CA ARG A 194 -5.12 8.62 -13.93
C ARG A 194 -6.24 8.98 -12.95
N THR A 195 -6.74 10.22 -13.03
CA THR A 195 -7.65 10.78 -12.03
C THR A 195 -9.06 10.20 -12.10
N THR A 196 -9.52 9.70 -10.95
CA THR A 196 -10.82 9.07 -10.85
C THR A 196 -11.78 9.84 -9.91
N ALA A 197 -11.27 10.87 -9.23
CA ALA A 197 -12.07 11.65 -8.30
C ALA A 197 -11.39 12.97 -8.09
N ILE A 198 -12.18 14.01 -7.87
CA ILE A 198 -11.68 15.33 -7.53
C ILE A 198 -12.11 15.54 -6.08
N LYS A 199 -11.35 16.36 -5.38
CA LYS A 199 -11.52 16.59 -3.98
C LYS A 199 -11.60 18.08 -3.85
N GLY A 200 -12.61 18.57 -3.14
CA GLY A 200 -12.81 20.00 -3.02
C GLY A 200 -13.71 20.33 -1.86
N ARG A 201 -14.16 21.57 -1.80
CA ARG A 201 -15.02 22.04 -0.72
C ARG A 201 -15.98 23.05 -1.32
N PHE A 202 -17.18 23.17 -0.73
CA PHE A 202 -18.17 24.13 -1.17
C PHE A 202 -17.90 25.48 -0.54
N GLU A 203 -17.97 26.51 -1.35
CA GLU A 203 -17.68 27.83 -0.84
C GLU A 203 -18.51 28.82 -1.64
N GLY A 204 -19.52 29.42 -1.02
CA GLY A 204 -20.46 30.26 -1.76
C GLY A 204 -21.10 29.47 -2.90
N SER A 205 -21.02 30.00 -4.11
CA SER A 205 -21.63 29.39 -5.29
C SER A 205 -20.73 28.37 -5.97
N ARG A 206 -19.54 28.14 -5.43
CA ARG A 206 -18.51 27.36 -6.13
C ARG A 206 -18.10 26.08 -5.40
N PHE A 207 -17.52 25.15 -6.14
CA PHE A 207 -16.88 23.99 -5.56
C PHE A 207 -15.41 24.16 -5.89
N LEU A 208 -14.60 24.33 -4.85
CA LEU A 208 -13.20 24.68 -5.01
C LEU A 208 -12.25 23.52 -4.73
N PRO A 209 -11.06 23.50 -5.37
CA PRO A 209 -10.05 22.50 -5.05
C PRO A 209 -9.70 22.53 -3.56
N TYR A 210 -9.47 21.35 -2.99
CA TYR A 210 -9.11 21.29 -1.57
C TYR A 210 -7.77 21.94 -1.24
N HIS A 211 -7.60 22.33 0.04
CA HIS A 211 -6.39 22.97 0.55
C HIS A 211 -5.15 22.16 0.23
N THR A 212 -4.09 22.86 -0.19
CA THR A 212 -2.76 22.32 -0.42
C THR A 212 -2.04 22.14 0.93
N ARG A 213 -0.91 21.44 0.90
CA ARG A 213 -0.12 21.21 2.11
C ARG A 213 0.30 22.49 2.79
N ASN A 214 0.71 23.49 2.01
CA ASN A 214 1.16 24.76 2.57
C ASN A 214 0.07 25.47 3.37
N GLN A 215 -1.14 25.53 2.80
CA GLN A 215 -2.30 26.11 3.47
C GLN A 215 -2.67 25.29 4.74
N ILE A 216 -2.58 23.97 4.63
CA ILE A 216 -2.83 23.10 5.77
C ILE A 216 -1.78 23.30 6.89
N ASN A 217 -0.51 23.32 6.51
CA ASN A 217 0.61 23.65 7.43
C ASN A 217 0.42 25.01 8.12
N GLY A 218 -0.09 25.98 7.38
CA GLY A 218 -0.35 27.32 7.90
C GLY A 218 -1.65 27.44 8.66
N GLY A 219 -2.37 26.32 8.80
CA GLY A 219 -3.52 26.23 9.69
C GLY A 219 -4.90 26.27 9.06
N ALA A 220 -4.99 25.91 7.78
CA ALA A 220 -6.29 25.92 7.07
C ALA A 220 -7.33 25.00 7.69
N LEU A 221 -6.87 23.96 8.38
CA LEU A 221 -7.75 22.92 8.92
C LEU A 221 -8.14 23.10 10.38
N ASP A 222 -7.69 24.21 10.97
CA ASP A 222 -7.99 24.52 12.36
C ASP A 222 -9.49 24.52 12.66
N GLY A 223 -9.87 23.67 13.62
CA GLY A 223 -11.24 23.41 14.04
C GLY A 223 -12.15 22.79 12.99
N LYS A 224 -11.55 22.13 12.00
CA LYS A 224 -12.25 21.74 10.78
C LYS A 224 -11.99 20.28 10.37
N ALA A 225 -11.22 19.56 11.19
CA ALA A 225 -10.77 18.22 10.85
C ALA A 225 -10.47 17.45 12.13
N PRO A 226 -10.73 16.13 12.14
CA PRO A 226 -10.32 15.28 13.27
C PRO A 226 -8.81 15.23 13.34
N ILE A 227 -8.29 15.23 14.55
CA ILE A 227 -6.87 15.03 14.77
C ILE A 227 -6.69 13.68 15.46
N LEU A 228 -5.84 12.84 14.88
CA LEU A 228 -5.73 11.44 15.30
C LEU A 228 -4.59 11.25 16.29
N GLY A 229 -3.75 12.26 16.39
CA GLY A 229 -2.46 12.12 17.07
C GLY A 229 -1.58 13.29 16.70
N TYR A 230 -0.45 13.38 17.39
CA TYR A 230 0.53 14.41 17.12
C TYR A 230 1.90 13.76 16.97
N ALA A 231 2.67 14.19 15.98
CA ALA A 231 4.04 13.75 15.83
C ALA A 231 4.98 14.80 16.40
N GLU A 232 6.21 14.37 16.65
CA GLU A 232 7.24 15.23 17.22
C GLU A 232 8.08 15.96 16.17
N ASP A 233 8.24 15.37 14.99
CA ASP A 233 9.06 15.97 13.94
C ASP A 233 8.21 16.12 12.69
N PRO A 234 8.19 17.32 12.07
CA PRO A 234 7.34 17.51 10.90
C PRO A 234 7.94 16.88 9.64
N VAL A 235 9.27 16.76 9.61
CA VAL A 235 9.95 16.08 8.51
C VAL A 235 9.61 14.58 8.51
N GLU A 236 9.66 13.92 9.66
CA GLU A 236 9.22 12.53 9.69
C GLU A 236 7.72 12.34 9.48
N LEU A 237 6.90 13.29 9.93
CA LEU A 237 5.48 13.32 9.56
C LEU A 237 5.34 13.44 8.05
N PHE A 238 6.11 14.34 7.43
CA PHE A 238 6.13 14.52 5.97
C PHE A 238 6.44 13.24 5.21
N PHE A 239 7.41 12.46 5.71
CA PHE A 239 7.80 11.22 5.08
C PHE A 239 6.79 10.08 5.29
N MSE A 240 6.09 10.07 6.43
CA MSE A 240 4.95 9.16 6.66
C MSE A 240 3.84 9.34 5.61
O MSE A 240 3.25 8.36 5.15
CB MSE A 240 4.38 9.32 8.08
CG MSE A 240 2.92 8.85 8.27
SE MSE A 240 2.36 8.80 10.14
CE MSE A 240 0.44 8.81 9.88
N HIS A 241 3.60 10.59 5.21
CA HIS A 241 2.70 10.89 4.09
C HIS A 241 3.13 10.13 2.83
N ILE A 242 4.42 10.22 2.50
CA ILE A 242 5.01 9.46 1.38
C ILE A 242 4.78 7.95 1.47
N GLN A 243 4.98 7.38 2.66
CA GLN A 243 4.77 5.94 2.89
C GLN A 243 3.27 5.59 2.87
N GLY A 244 2.44 6.52 3.32
CA GLY A 244 0.98 6.35 3.26
C GLY A 244 0.35 5.70 4.49
N SER A 245 1.18 5.32 5.46
CA SER A 245 0.69 4.84 6.76
C SER A 245 1.78 5.04 7.78
N GLY A 246 1.44 4.81 9.03
CA GLY A 246 2.44 4.82 10.07
C GLY A 246 1.94 4.46 11.45
N ARG A 247 2.85 4.54 12.38
CA ARG A 247 2.58 4.17 13.74
C ARG A 247 3.19 5.24 14.62
N LEU A 248 2.41 5.82 15.53
CA LEU A 248 3.00 6.66 16.56
C LEU A 248 3.43 5.83 17.74
N LYS A 249 4.64 6.06 18.24
CA LYS A 249 5.12 5.46 19.47
C LYS A 249 5.02 6.54 20.54
N THR A 250 4.21 6.29 21.55
CA THR A 250 3.97 7.29 22.61
C THR A 250 5.11 7.20 23.63
N PRO A 251 5.30 8.25 24.48
CA PRO A 251 6.32 8.17 25.54
C PRO A 251 6.15 6.96 26.46
N SER A 252 4.93 6.46 26.57
CA SER A 252 4.64 5.21 27.30
C SER A 252 5.21 3.96 26.60
N GLY A 253 5.50 4.08 25.31
CA GLY A 253 5.93 2.94 24.50
C GLY A 253 4.77 2.32 23.73
N LYS A 254 3.59 2.92 23.86
CA LYS A 254 2.36 2.40 23.22
C LYS A 254 2.27 2.83 21.77
N TYR A 255 1.63 2.01 20.93
CA TYR A 255 1.46 2.36 19.51
C TYR A 255 0.07 2.87 19.13
N ILE A 256 0.05 3.91 18.30
CA ILE A 256 -1.15 4.39 17.62
C ILE A 256 -1.02 4.11 16.11
N ARG A 257 -1.76 3.11 15.64
CA ARG A 257 -1.71 2.69 14.23
C ARG A 257 -2.58 3.59 13.38
N ILE A 258 -2.02 4.09 12.29
CA ILE A 258 -2.66 5.10 11.47
C ILE A 258 -2.58 4.72 9.98
N GLY A 259 -3.74 4.75 9.33
CA GLY A 259 -3.85 4.24 7.99
C GLY A 259 -4.38 5.27 7.02
N TYR A 260 -4.02 5.10 5.76
CA TYR A 260 -4.49 5.94 4.68
C TYR A 260 -6.03 6.05 4.61
N ALA A 261 -6.57 7.27 4.53
CA ALA A 261 -8.01 7.47 4.32
C ALA A 261 -8.28 8.10 2.97
N ASP A 262 -7.67 9.26 2.70
CA ASP A 262 -7.80 9.91 1.41
C ASP A 262 -6.67 10.90 1.21
N LYS A 263 -6.71 11.64 0.10
CA LYS A 263 -5.72 12.69 -0.19
C LYS A 263 -6.38 13.85 -0.90
N ASN A 264 -5.74 15.02 -0.86
CA ASN A 264 -6.23 16.23 -1.53
C ASN A 264 -6.10 16.22 -3.09
N GLU A 265 -5.36 15.24 -3.61
CA GLU A 265 -5.17 15.03 -5.07
C GLU A 265 -4.23 16.02 -5.79
N HIS A 266 -3.69 16.99 -5.05
CA HIS A 266 -2.70 17.91 -5.60
C HIS A 266 -1.42 17.13 -5.92
N PRO A 267 -0.72 17.48 -7.01
CA PRO A 267 0.47 16.72 -7.44
C PRO A 267 1.53 16.46 -6.38
N TYR A 268 2.24 15.37 -6.55
CA TYR A 268 3.47 15.17 -5.80
C TYR A 268 4.59 16.00 -6.41
N VAL A 269 5.21 16.85 -5.60
CA VAL A 269 6.45 17.50 -5.97
C VAL A 269 7.53 17.04 -5.00
N SER A 270 8.69 16.68 -5.54
CA SER A 270 9.85 16.23 -4.73
C SER A 270 10.63 17.41 -4.14
N ILE A 271 10.66 17.47 -2.81
CA ILE A 271 11.37 18.54 -2.07
C ILE A 271 12.90 18.38 -2.12
N GLY A 272 13.37 17.15 -2.25
CA GLY A 272 14.79 16.87 -2.47
C GLY A 272 15.32 17.59 -3.69
N ARG A 273 14.55 17.55 -4.78
CA ARG A 273 14.87 18.29 -5.99
C ARG A 273 14.85 19.80 -5.78
N TYR A 274 13.85 20.30 -5.03
CA TYR A 274 13.78 21.72 -4.70
C TYR A 274 14.97 22.18 -3.86
N MSE A 275 15.27 21.37 -2.83
CA MSE A 275 16.37 21.64 -1.90
C MSE A 275 17.68 21.73 -2.66
O MSE A 275 18.52 22.56 -2.35
CB MSE A 275 16.43 20.51 -0.88
CG MSE A 275 16.55 20.96 0.56
SE MSE A 275 15.41 19.85 1.70
CE MSE A 275 16.14 20.45 3.40
N ALA A 276 17.84 20.84 -3.65
CA ALA A 276 19.00 20.81 -4.53
C ALA A 276 19.11 22.03 -5.44
N ASP A 277 17.95 22.57 -5.84
CA ASP A 277 17.88 23.75 -6.70
C ASP A 277 18.25 25.04 -5.98
N LYS A 278 17.70 25.22 -4.77
CA LYS A 278 18.03 26.38 -3.93
C LYS A 278 19.46 26.36 -3.39
N GLY A 279 20.12 25.19 -3.50
CA GLY A 279 21.48 24.99 -3.00
C GLY A 279 21.54 24.67 -1.51
N TYR A 280 20.37 24.58 -0.88
CA TYR A 280 20.23 24.33 0.57
C TYR A 280 21.03 23.08 1.02
N LEU A 281 20.92 22.01 0.22
CA LEU A 281 21.72 20.80 0.34
C LEU A 281 21.82 20.24 -1.07
N LYS A 282 22.80 19.38 -1.33
CA LYS A 282 22.98 18.82 -2.67
C LYS A 282 22.17 17.54 -2.86
N LEU A 283 21.91 17.21 -4.13
CA LEU A 283 21.12 16.05 -4.52
C LEU A 283 21.89 14.75 -4.26
N GLY A 284 22.00 14.42 -2.98
CA GLY A 284 22.72 13.25 -2.51
C GLY A 284 22.52 13.21 -1.01
N GLN A 285 22.46 14.41 -0.41
CA GLN A 285 22.01 14.57 0.98
C GLN A 285 20.49 14.48 1.04
N THR A 286 19.89 13.93 -0.02
CA THR A 286 18.45 13.71 -0.18
C THR A 286 17.97 12.43 0.54
N SER A 287 17.71 12.58 1.83
CA SER A 287 17.17 11.54 2.70
C SER A 287 16.45 12.24 3.84
N MSE A 288 15.62 11.51 4.57
CA MSE A 288 14.90 12.10 5.69
C MSE A 288 15.79 12.36 6.90
O MSE A 288 15.46 13.19 7.75
CB MSE A 288 13.67 11.25 6.07
CG MSE A 288 13.84 10.31 7.24
SE MSE A 288 12.11 9.97 8.09
CE MSE A 288 12.74 8.70 9.44
N GLN A 289 16.93 11.67 6.97
CA GLN A 289 17.95 11.93 7.99
C GLN A 289 18.72 13.21 7.67
N GLY A 290 19.00 13.42 6.38
CA GLY A 290 19.71 14.62 5.91
C GLY A 290 18.85 15.86 6.06
N ILE A 291 17.62 15.78 5.57
CA ILE A 291 16.66 16.88 5.67
C ILE A 291 16.32 17.18 7.13
N LYS A 292 16.13 16.12 7.93
CA LYS A 292 15.73 16.25 9.34
C LYS A 292 16.81 16.90 10.20
N ALA A 293 18.06 16.61 9.88
CA ALA A 293 19.16 17.23 10.60
C ALA A 293 19.30 18.67 10.13
N TYR A 294 19.14 18.88 8.83
CA TYR A 294 19.26 20.22 8.24
C TYR A 294 18.19 21.15 8.80
N MSE A 295 16.98 20.61 8.98
CA MSE A 295 15.85 21.39 9.46
C MSE A 295 15.97 21.67 10.98
O MSE A 295 15.32 22.57 11.50
CB MSE A 295 14.53 20.71 9.10
CG MSE A 295 13.50 21.65 8.47
SE MSE A 295 14.06 22.62 6.82
CE MSE A 295 13.33 21.40 5.50
N ARG A 296 16.84 20.91 11.64
CA ARG A 296 17.15 21.09 13.05
C ARG A 296 18.11 22.27 13.28
N GLN A 297 19.00 22.51 12.31
CA GLN A 297 19.92 23.65 12.35
C GLN A 297 19.34 24.88 11.65
N ASN A 298 18.40 24.67 10.73
CA ASN A 298 17.78 25.76 9.97
C ASN A 298 16.23 25.70 9.98
N PRO A 299 15.61 26.06 11.11
CA PRO A 299 14.15 25.96 11.26
C PRO A 299 13.37 26.99 10.43
N GLN A 300 14.05 28.04 9.98
CA GLN A 300 13.45 29.13 9.20
C GLN A 300 13.10 28.72 7.75
N ARG A 301 13.61 27.55 7.33
CA ARG A 301 13.40 27.05 5.96
C ARG A 301 12.29 25.97 5.89
N LEU A 302 11.83 25.55 7.08
CA LEU A 302 10.90 24.44 7.23
C LEU A 302 9.58 24.65 6.46
N ALA A 303 8.85 25.71 6.82
CA ALA A 303 7.56 26.03 6.19
C ALA A 303 7.67 26.07 4.66
N GLU A 304 8.74 26.75 4.19
CA GLU A 304 9.06 26.94 2.77
C GLU A 304 9.24 25.61 2.03
N VAL A 305 10.25 24.78 2.55
CA VAL A 305 10.56 23.52 1.88
C VAL A 305 9.35 22.57 1.87
N LEU A 306 8.75 22.30 3.03
CA LEU A 306 7.63 21.35 3.09
C LEU A 306 6.46 21.73 2.18
N GLY A 307 6.08 23.01 2.20
CA GLY A 307 4.99 23.52 1.36
C GLY A 307 5.20 23.45 -0.15
N GLN A 308 6.43 23.11 -0.57
CA GLN A 308 6.74 22.86 -1.99
C GLN A 308 6.00 21.64 -2.55
N ASN A 309 5.72 20.67 -1.70
CA ASN A 309 4.89 19.52 -2.06
C ASN A 309 3.41 19.75 -1.67
N PRO A 310 2.54 20.03 -2.66
CA PRO A 310 1.16 20.40 -2.36
C PRO A 310 0.26 19.23 -1.95
N SER A 311 0.59 18.04 -2.43
CA SER A 311 -0.06 16.79 -2.03
C SER A 311 -0.10 16.65 -0.51
N TYR A 312 -1.20 16.11 0.00
CA TYR A 312 -1.38 15.98 1.44
C TYR A 312 -2.27 14.80 1.67
N ILE A 313 -1.86 13.96 2.62
CA ILE A 313 -2.56 12.73 2.93
C ILE A 313 -3.40 12.90 4.21
N PHE A 314 -4.63 12.41 4.13
CA PHE A 314 -5.48 12.27 5.30
C PHE A 314 -5.55 10.80 5.72
N PHE A 315 -5.67 10.59 7.02
CA PHE A 315 -5.54 9.26 7.59
C PHE A 315 -6.75 8.85 8.40
N ARG A 316 -6.76 7.60 8.85
CA ARG A 316 -7.79 7.11 9.76
C ARG A 316 -7.14 6.22 10.83
N GLU A 317 -7.82 6.09 11.97
CA GLU A 317 -7.39 5.21 13.06
C GLU A 317 -7.57 3.75 12.64
N LEU A 318 -6.55 2.93 12.87
CA LEU A 318 -6.70 1.48 12.80
C LEU A 318 -6.63 0.88 14.20
N ASP A 324 -2.28 -5.79 14.04
CA ASP A 324 -0.88 -5.36 13.94
C ASP A 324 -0.36 -5.54 12.51
N GLY A 325 0.13 -4.44 11.92
CA GLY A 325 0.46 -4.34 10.49
C GLY A 325 -0.45 -3.37 9.73
N PRO A 326 0.06 -2.66 8.71
CA PRO A 326 -0.90 -1.80 8.00
C PRO A 326 -1.86 -2.64 7.14
N VAL A 327 -3.00 -2.06 6.79
CA VAL A 327 -4.05 -2.75 6.05
C VAL A 327 -3.80 -2.54 4.56
N GLY A 328 -3.71 -3.62 3.79
CA GLY A 328 -3.45 -3.47 2.36
C GLY A 328 -4.73 -3.52 1.54
N ALA A 329 -4.55 -3.66 0.22
CA ALA A 329 -5.66 -3.70 -0.76
C ALA A 329 -6.71 -4.77 -0.48
N LEU A 330 -6.29 -5.85 0.18
CA LEU A 330 -7.18 -6.93 0.53
C LEU A 330 -8.07 -6.56 1.71
N GLY A 331 -7.70 -5.50 2.43
CA GLY A 331 -8.54 -5.00 3.53
C GLY A 331 -8.12 -5.62 4.84
N THR A 332 -6.88 -6.11 4.86
CA THR A 332 -6.39 -7.03 5.86
C THR A 332 -4.97 -6.60 6.34
N PRO A 333 -4.65 -6.76 7.65
CA PRO A 333 -3.34 -6.31 8.16
C PRO A 333 -2.14 -7.13 7.63
N LEU A 334 -1.06 -6.46 7.26
CA LEU A 334 0.08 -7.13 6.61
C LEU A 334 1.14 -7.60 7.59
N MSE A 335 1.63 -8.82 7.37
CA MSE A 335 2.75 -9.37 8.14
C MSE A 335 4.10 -8.97 7.56
O MSE A 335 4.37 -9.23 6.40
CB MSE A 335 2.68 -10.89 8.19
CG MSE A 335 3.80 -11.54 9.00
SE MSE A 335 3.35 -13.43 9.29
CE MSE A 335 1.72 -13.09 10.26
N GLY A 336 4.96 -8.38 8.38
CA GLY A 336 6.28 -7.96 7.93
C GLY A 336 7.08 -9.10 7.37
N GLU A 337 7.65 -8.89 6.18
CA GLU A 337 8.48 -9.87 5.48
C GLU A 337 7.72 -11.07 4.87
N TYR A 338 6.40 -11.12 5.04
CA TYR A 338 5.57 -12.20 4.51
C TYR A 338 4.39 -11.74 3.65
N ALA A 339 4.46 -10.49 3.18
CA ALA A 339 3.43 -9.90 2.33
C ALA A 339 4.06 -9.00 1.28
N GLY A 340 3.33 -8.77 0.19
CA GLY A 340 3.78 -7.77 -0.76
C GLY A 340 2.67 -7.19 -1.60
N ALA A 341 3.02 -6.19 -2.39
CA ALA A 341 2.09 -5.53 -3.28
C ALA A 341 2.40 -6.00 -4.70
N ILE A 342 1.36 -6.32 -5.45
CA ILE A 342 1.49 -6.83 -6.79
C ILE A 342 0.59 -6.04 -7.71
N ASP A 343 0.71 -6.33 -9.01
CA ASP A 343 -0.21 -5.79 -10.01
C ASP A 343 -1.41 -6.74 -10.12
N ARG A 344 -2.59 -6.22 -9.83
CA ARG A 344 -3.82 -7.05 -9.87
C ARG A 344 -4.28 -7.44 -11.26
N HIS A 345 -3.76 -6.78 -12.30
CA HIS A 345 -4.03 -7.21 -13.67
C HIS A 345 -3.53 -8.62 -13.88
N TYR A 346 -2.42 -8.97 -13.21
CA TYR A 346 -1.71 -10.26 -13.39
C TYR A 346 -1.77 -11.25 -12.24
N ILE A 347 -1.74 -10.74 -11.02
CA ILE A 347 -1.69 -11.62 -9.85
C ILE A 347 -3.03 -11.52 -9.12
N THR A 348 -3.59 -12.68 -8.82
CA THR A 348 -4.85 -12.79 -8.10
C THR A 348 -4.65 -12.37 -6.63
N LEU A 349 -5.30 -11.28 -6.23
CA LEU A 349 -5.16 -10.75 -4.88
C LEU A 349 -5.45 -11.81 -3.84
N GLY A 350 -4.52 -11.97 -2.90
CA GLY A 350 -4.66 -12.96 -1.83
C GLY A 350 -3.85 -14.23 -2.02
N ALA A 351 -3.34 -14.45 -3.24
CA ALA A 351 -2.57 -15.63 -3.59
C ALA A 351 -1.23 -15.66 -2.87
N PRO A 352 -0.84 -16.86 -2.36
CA PRO A 352 0.58 -17.07 -2.03
C PRO A 352 1.44 -16.89 -3.29
N LEU A 353 2.59 -16.25 -3.09
CA LEU A 353 3.48 -15.92 -4.17
C LEU A 353 4.88 -16.35 -3.72
N PHE A 354 5.47 -17.32 -4.38
CA PHE A 354 6.84 -17.68 -4.07
C PHE A 354 7.67 -16.69 -4.84
N VAL A 355 8.54 -15.97 -4.12
CA VAL A 355 9.44 -14.99 -4.74
C VAL A 355 10.89 -15.42 -4.51
N ALA A 356 11.65 -15.50 -5.59
CA ALA A 356 13.08 -15.81 -5.49
C ALA A 356 13.85 -14.56 -5.79
N THR A 357 14.58 -14.06 -4.80
CA THR A 357 15.40 -12.87 -5.03
C THR A 357 16.55 -12.87 -4.04
N ALA A 358 17.35 -11.82 -4.05
CA ALA A 358 18.48 -11.70 -3.13
C ALA A 358 18.15 -10.72 -1.98
N HIS A 359 18.67 -10.97 -0.79
CA HIS A 359 18.52 -10.01 0.30
C HIS A 359 19.27 -8.74 -0.08
N PRO A 360 18.66 -7.55 0.10
CA PRO A 360 19.27 -6.29 -0.37
C PRO A 360 20.66 -5.96 0.24
N VAL A 361 20.96 -6.55 1.40
CA VAL A 361 22.18 -6.24 2.13
C VAL A 361 23.15 -7.43 2.15
N THR A 362 22.69 -8.60 2.56
CA THR A 362 23.60 -9.74 2.71
C THR A 362 23.89 -10.43 1.37
N ARG A 363 23.00 -10.21 0.39
CA ARG A 363 23.00 -10.93 -0.90
C ARG A 363 22.72 -12.45 -0.78
N LYS A 364 22.25 -12.90 0.37
CA LYS A 364 21.87 -14.31 0.51
C LYS A 364 20.48 -14.48 -0.10
N ALA A 365 20.21 -15.68 -0.61
CA ALA A 365 18.93 -15.96 -1.23
C ALA A 365 17.83 -15.62 -0.24
N LEU A 366 16.85 -14.87 -0.72
CA LEU A 366 15.67 -14.55 0.00
C LEU A 366 14.59 -15.19 -0.86
N ASN A 367 14.23 -16.41 -0.51
CA ASN A 367 13.33 -17.23 -1.31
C ASN A 367 12.19 -17.52 -0.42
N ARG A 368 11.00 -17.05 -0.74
CA ARG A 368 9.91 -17.31 0.18
C ARG A 368 8.52 -17.11 -0.37
N LEU A 369 7.58 -17.80 0.27
CA LEU A 369 6.16 -17.58 0.05
C LEU A 369 5.69 -16.39 0.82
N ILE A 370 5.44 -15.31 0.12
CA ILE A 370 4.77 -14.13 0.70
C ILE A 370 3.30 -14.17 0.25
N MSE A 371 2.47 -13.32 0.82
CA MSE A 371 1.07 -13.33 0.43
C MSE A 371 0.83 -12.06 -0.38
O MSE A 371 1.16 -10.99 0.06
CB MSE A 371 0.17 -13.35 1.66
CG MSE A 371 0.37 -14.57 2.53
SE MSE A 371 0.09 -16.23 1.55
CE MSE A 371 1.77 -17.16 1.96
N ALA A 372 0.26 -12.22 -1.57
CA ALA A 372 0.01 -11.11 -2.48
C ALA A 372 -1.22 -10.36 -1.97
N GLN A 373 -1.07 -9.57 -0.90
CA GLN A 373 -2.24 -9.00 -0.19
C GLN A 373 -2.39 -7.49 -0.39
N ASP A 374 -1.55 -6.91 -1.22
CA ASP A 374 -1.56 -5.46 -1.41
C ASP A 374 -1.37 -5.08 -2.89
N THR A 375 -1.59 -3.81 -3.22
CA THR A 375 -1.38 -3.26 -4.56
C THR A 375 -0.75 -1.88 -4.39
N GLY A 376 -0.34 -1.26 -5.50
CA GLY A 376 0.27 0.07 -5.47
C GLY A 376 0.29 0.71 -6.84
N SER A 377 0.18 2.03 -6.88
CA SER A 377 -0.04 2.72 -8.16
C SER A 377 1.15 2.52 -9.08
N ALA A 378 2.34 2.40 -8.51
CA ALA A 378 3.54 2.21 -9.30
C ALA A 378 3.95 0.74 -9.49
N ILE A 379 3.16 -0.17 -8.91
CA ILE A 379 3.43 -1.63 -9.01
C ILE A 379 2.69 -2.20 -10.21
N LYS A 380 3.42 -2.42 -11.30
CA LYS A 380 2.85 -2.77 -12.61
C LYS A 380 3.66 -3.87 -13.26
N GLY A 381 3.00 -4.87 -13.83
CA GLY A 381 3.77 -5.92 -14.52
C GLY A 381 3.51 -7.29 -13.97
N ALA A 382 3.70 -8.31 -14.80
CA ALA A 382 3.37 -9.69 -14.37
C ALA A 382 4.31 -10.19 -13.25
N VAL A 383 5.60 -9.88 -13.40
CA VAL A 383 6.62 -10.23 -12.41
C VAL A 383 7.09 -8.92 -11.81
N ARG A 384 6.52 -8.58 -10.66
CA ARG A 384 6.76 -7.27 -10.08
C ARG A 384 6.16 -7.36 -8.68
N VAL A 385 7.03 -7.23 -7.68
CA VAL A 385 6.61 -7.25 -6.29
C VAL A 385 7.14 -6.01 -5.56
N ASP A 386 6.31 -5.40 -4.72
CA ASP A 386 6.81 -4.50 -3.66
C ASP A 386 6.85 -5.36 -2.40
N TYR A 387 8.04 -5.61 -1.88
CA TYR A 387 8.15 -6.48 -0.70
C TYR A 387 7.91 -5.72 0.60
N PHE A 388 6.91 -6.10 1.37
CA PHE A 388 6.63 -5.39 2.64
C PHE A 388 7.59 -5.85 3.75
N TRP A 389 8.41 -4.93 4.25
CA TRP A 389 9.44 -5.29 5.22
C TRP A 389 9.02 -5.24 6.70
N GLY A 390 7.84 -4.70 6.99
CA GLY A 390 7.37 -4.57 8.39
C GLY A 390 7.42 -3.11 8.82
N TYR A 391 7.38 -2.86 10.12
CA TYR A 391 7.42 -1.48 10.60
C TYR A 391 8.69 -1.14 11.31
N GLY A 392 9.09 0.14 11.24
CA GLY A 392 10.21 0.64 12.01
C GLY A 392 11.45 1.00 11.22
N ASP A 393 12.50 1.40 11.93
CA ASP A 393 13.71 1.99 11.32
C ASP A 393 14.45 1.00 10.40
N GLU A 394 14.73 -0.19 10.91
CA GLU A 394 15.39 -1.27 10.19
C GLU A 394 14.64 -1.66 8.91
N ALA A 395 13.35 -1.94 9.06
CA ALA A 395 12.50 -2.24 7.93
C ALA A 395 12.62 -1.15 6.86
N GLY A 396 12.73 0.10 7.27
CA GLY A 396 12.83 1.24 6.35
C GLY A 396 14.16 1.34 5.65
N GLU A 397 15.22 0.99 6.37
CA GLU A 397 16.56 0.84 5.76
C GLU A 397 16.56 -0.21 4.65
N LEU A 398 16.11 -1.42 4.96
CA LEU A 398 16.05 -2.51 3.99
C LEU A 398 15.18 -2.18 2.79
N ALA A 399 13.97 -1.66 3.06
CA ALA A 399 13.02 -1.23 2.04
C ALA A 399 13.65 -0.26 1.05
N GLY A 400 14.42 0.72 1.55
CA GLY A 400 15.06 1.70 0.71
C GLY A 400 16.22 1.14 -0.13
N LYS A 401 16.87 0.08 0.36
CA LYS A 401 17.98 -0.56 -0.36
C LYS A 401 17.54 -1.64 -1.37
N GLN A 402 16.28 -2.06 -1.31
CA GLN A 402 15.78 -3.15 -2.15
C GLN A 402 15.38 -2.76 -3.57
N LYS A 403 16.22 -3.11 -4.53
CA LYS A 403 15.89 -3.05 -5.95
C LYS A 403 16.67 -4.17 -6.64
N THR A 404 16.06 -5.35 -6.58
CA THR A 404 16.65 -6.60 -6.97
C THR A 404 15.82 -7.26 -8.08
N THR A 405 16.45 -8.17 -8.82
CA THR A 405 15.73 -8.99 -9.75
C THR A 405 15.01 -10.13 -9.00
N GLY A 406 13.73 -10.34 -9.29
CA GLY A 406 12.99 -11.47 -8.72
C GLY A 406 12.39 -12.36 -9.77
N TYR A 407 12.04 -13.58 -9.35
CA TYR A 407 11.33 -14.55 -10.16
C TYR A 407 10.13 -14.97 -9.33
N VAL A 408 8.97 -15.13 -9.96
CA VAL A 408 7.76 -15.39 -9.17
C VAL A 408 6.95 -16.57 -9.67
N TRP A 409 6.32 -17.25 -8.70
CA TRP A 409 5.37 -18.33 -8.90
C TRP A 409 4.14 -17.97 -8.06
N GLN A 410 2.97 -18.03 -8.68
CA GLN A 410 1.69 -17.79 -8.01
C GLN A 410 1.05 -19.13 -7.66
N LEU A 411 0.77 -19.35 -6.38
CA LEU A 411 0.09 -20.56 -5.96
C LEU A 411 -1.39 -20.28 -5.90
N LEU A 412 -2.17 -21.13 -6.56
CA LEU A 412 -3.63 -20.99 -6.51
C LEU A 412 -4.26 -22.29 -6.07
N PRO A 413 -5.43 -22.22 -5.43
CA PRO A 413 -6.19 -23.38 -5.02
C PRO A 413 -6.35 -24.33 -6.21
N ASN A 414 -6.26 -25.63 -5.93
CA ASN A 414 -6.26 -26.64 -7.00
C ASN A 414 -7.45 -26.51 -7.94
N GLY A 415 -7.17 -26.36 -9.23
CA GLY A 415 -8.25 -26.20 -10.20
C GLY A 415 -8.57 -24.77 -10.55
N MSE A 416 -8.16 -23.82 -9.70
CA MSE A 416 -8.28 -22.39 -10.02
C MSE A 416 -7.19 -21.93 -10.96
O MSE A 416 -6.00 -22.11 -10.70
CB MSE A 416 -8.29 -21.53 -8.76
CG MSE A 416 -8.26 -20.05 -9.08
SE MSE A 416 -8.30 -18.89 -7.54
CE MSE A 416 -9.98 -19.50 -6.75
N LYS A 417 -7.57 -21.28 -12.04
CA LYS A 417 -6.57 -20.83 -13.00
C LYS A 417 -6.18 -19.37 -12.80
N PRO A 418 -4.93 -19.02 -13.15
CA PRO A 418 -4.56 -17.62 -13.09
C PRO A 418 -5.22 -16.92 -14.27
N GLU A 419 -5.22 -15.59 -14.23
CA GLU A 419 -6.01 -14.83 -15.16
C GLU A 419 -5.45 -13.45 -15.32
N TYR A 420 -5.38 -13.02 -16.57
CA TYR A 420 -5.15 -11.63 -16.89
C TYR A 420 -6.49 -10.91 -16.77
N ARG A 421 -6.51 -9.86 -15.96
CA ARG A 421 -7.72 -9.11 -15.67
C ARG A 421 -7.52 -7.70 -16.16
N PRO A 422 -7.95 -7.42 -17.40
CA PRO A 422 -7.62 -6.18 -18.09
C PRO A 422 -8.03 -4.94 -17.33
S SO4 B . -19.69 33.80 -4.87
O1 SO4 B . -18.27 33.70 -5.18
O2 SO4 B . -20.39 33.48 -6.08
O3 SO4 B . -20.07 35.10 -4.33
O4 SO4 B . -20.00 32.82 -3.85
S SO4 C . 19.40 -8.73 -7.94
O1 SO4 C . 20.59 -9.40 -7.52
O2 SO4 C . 19.16 -9.05 -9.31
O3 SO4 C . 19.53 -7.30 -7.75
O4 SO4 C . 18.32 -9.24 -7.13
S SO4 D . -7.04 32.47 -16.19
O1 SO4 D . -6.64 31.16 -16.70
O2 SO4 D . -6.71 33.51 -17.16
O3 SO4 D . -6.31 32.75 -14.95
O4 SO4 D . -8.47 32.49 -15.93
S SO4 E . 8.70 -25.84 13.43
O1 SO4 E . 8.67 -27.17 12.84
O2 SO4 E . 7.74 -24.99 12.75
O3 SO4 E . 10.05 -25.33 13.33
O4 SO4 E . 8.28 -25.92 14.84
S SO4 F . 14.23 -1.26 14.36
O1 SO4 F . 15.62 -0.91 14.09
O2 SO4 F . 13.47 -1.21 13.12
O3 SO4 F . 13.63 -0.32 15.30
O4 SO4 F . 14.16 -2.63 14.89
S SO4 G . -12.50 -6.72 -5.69
O1 SO4 G . -12.27 -7.39 -6.98
O2 SO4 G . -12.89 -5.34 -5.93
O3 SO4 G . -11.29 -6.77 -4.88
O4 SO4 G . -13.57 -7.42 -4.98
C1 GOL H . 0.94 26.48 -1.98
O1 GOL H . 0.68 25.56 -3.03
C2 GOL H . -0.22 27.47 -1.85
O2 GOL H . -1.27 26.86 -1.15
C3 GOL H . 0.23 28.73 -1.13
O3 GOL H . -0.55 29.00 0.02
C1 GOL I . 0.79 0.39 -1.04
O1 GOL I . -0.27 1.12 -1.63
C2 GOL I . 2.08 0.77 -1.75
O2 GOL I . 2.90 1.57 -0.92
C3 GOL I . 2.82 -0.49 -2.15
O3 GOL I . 3.57 -0.20 -3.30
#